data_5EPS
#
_entry.id   5EPS
#
_cell.length_a   60.630
_cell.length_b   60.630
_cell.length_c   62.500
_cell.angle_alpha   90.00
_cell.angle_beta   90.00
_cell.angle_gamma   120.00
#
_symmetry.space_group_name_H-M   'P 32 2 1'
#
loop_
_entity.id
_entity.type
_entity.pdbx_description
1 polymer Peregrin
2 non-polymer 1-methyl-3,4-dihydroquinoxalin-2-one
3 non-polymer 'NITRATE ION'
4 water water
#
_entity_poly.entity_id   1
_entity_poly.type   'polypeptide(L)'
_entity_poly.pdbx_seq_one_letter_code
;SMEMQLTPFLILLRKTLEQLQEKDTGNIFSEPVPLSEVPDYLDHIKKPMDFFTMKQNLEAYRYLNFDDFEEDFNLIVSNC
LKYNAKDTIFYRAAVRLREQGGAVLRQARRQAEKMG
;
_entity_poly.pdbx_strand_id   A
#
loop_
_chem_comp.id
_chem_comp.type
_chem_comp.name
_chem_comp.formula
5QX non-polymer 1-methyl-3,4-dihydroquinoxalin-2-one 'C9 H10 N2 O'
NO3 non-polymer 'NITRATE ION' 'N O3 -1'
#
# COMPACT_ATOMS: atom_id res chain seq x y z
N GLU A 3 6.76 -10.62 19.31
CA GLU A 3 7.73 -11.57 19.84
C GLU A 3 8.08 -12.64 18.81
N MET A 4 8.95 -12.30 17.87
CA MET A 4 9.30 -13.18 16.77
C MET A 4 10.62 -12.72 16.17
N GLN A 5 11.15 -13.53 15.26
CA GLN A 5 12.39 -13.24 14.57
C GLN A 5 12.14 -12.23 13.44
N LEU A 6 13.08 -11.30 13.27
CA LEU A 6 12.89 -10.20 12.34
C LEU A 6 12.98 -10.65 10.88
N THR A 7 13.97 -11.47 10.55
CA THR A 7 14.18 -11.86 9.16
C THR A 7 12.96 -12.54 8.52
N PRO A 8 12.35 -13.57 9.12
CA PRO A 8 11.16 -14.16 8.46
C PRO A 8 10.03 -13.17 8.35
N PHE A 9 9.91 -12.24 9.30
CA PHE A 9 8.83 -11.27 9.19
C PHE A 9 9.04 -10.34 8.01
N LEU A 10 10.28 -9.86 7.80
CA LEU A 10 10.54 -9.01 6.64
C LEU A 10 10.35 -9.78 5.33
N ILE A 11 10.75 -11.05 5.30
CA ILE A 11 10.48 -11.89 4.12
C ILE A 11 8.99 -11.93 3.82
N LEU A 12 8.17 -12.13 4.86
CA LEU A 12 6.73 -12.14 4.69
C LEU A 12 6.22 -10.80 4.18
N LEU A 13 6.71 -9.68 4.73
CA LEU A 13 6.25 -8.39 4.23
C LEU A 13 6.65 -8.17 2.79
N ARG A 14 7.86 -8.60 2.40
CA ARG A 14 8.27 -8.46 1.00
C ARG A 14 7.33 -9.25 0.08
N LYS A 15 7.02 -10.48 0.46
CA LYS A 15 6.11 -11.30 -0.33
C LYS A 15 4.73 -10.67 -0.40
N THR A 16 4.25 -10.16 0.73
CA THR A 16 2.93 -9.53 0.77
C THR A 16 2.89 -8.28 -0.09
N LEU A 17 3.93 -7.45 -0.02
CA LEU A 17 3.99 -6.26 -0.87
C LEU A 17 3.94 -6.66 -2.35
N GLU A 18 4.66 -7.72 -2.73
CA GLU A 18 4.59 -8.20 -4.11
C GLU A 18 3.17 -8.62 -4.48
N GLN A 19 2.48 -9.30 -3.56
CA GLN A 19 1.11 -9.73 -3.84
C GLN A 19 0.17 -8.54 -4.01
N LEU A 20 0.39 -7.49 -3.24
CA LEU A 20 -0.46 -6.30 -3.37
C LEU A 20 -0.18 -5.59 -4.67
N GLN A 21 1.09 -5.45 -5.04
CA GLN A 21 1.43 -4.86 -6.32
C GLN A 21 0.81 -5.63 -7.48
N GLU A 22 0.73 -6.96 -7.35
CA GLU A 22 0.14 -7.77 -8.42
C GLU A 22 -1.33 -7.44 -8.63
N LYS A 23 -2.04 -7.00 -7.58
CA LYS A 23 -3.43 -6.59 -7.72
C LYS A 23 -3.60 -5.24 -8.40
N ASP A 24 -2.57 -4.39 -8.37
CA ASP A 24 -2.59 -3.09 -9.03
C ASP A 24 -2.07 -3.31 -10.45
N THR A 25 -2.96 -3.82 -11.32
CA THR A 25 -2.51 -4.28 -12.62
C THR A 25 -2.11 -3.12 -13.54
N GLY A 26 -2.78 -1.97 -13.40
CA GLY A 26 -2.34 -0.80 -14.13
C GLY A 26 -1.11 -0.13 -13.59
N ASN A 27 -0.56 -0.63 -12.49
CA ASN A 27 0.60 0.00 -11.85
C ASN A 27 0.32 1.47 -11.53
N ILE A 28 -0.92 1.80 -11.20
CA ILE A 28 -1.21 3.21 -10.93
C ILE A 28 -0.69 3.63 -9.56
N PHE A 29 -0.36 2.67 -8.69
CA PHE A 29 0.13 2.94 -7.34
C PHE A 29 1.57 2.53 -7.15
N SER A 30 2.29 2.23 -8.25
CA SER A 30 3.65 1.72 -8.13
CA SER A 30 3.65 1.72 -8.13
C SER A 30 4.63 2.80 -7.68
N GLU A 31 4.39 4.05 -8.07
CA GLU A 31 5.30 5.16 -7.81
C GLU A 31 4.48 6.34 -7.34
N PRO A 32 5.11 7.35 -6.74
CA PRO A 32 4.36 8.52 -6.26
C PRO A 32 3.53 9.17 -7.36
N VAL A 33 2.38 9.70 -6.97
CA VAL A 33 1.60 10.50 -7.92
C VAL A 33 2.46 11.67 -8.39
N PRO A 34 2.63 11.87 -9.70
CA PRO A 34 3.57 12.91 -10.17
C PRO A 34 3.06 14.33 -9.92
N LEU A 35 3.72 15.03 -8.99
CA LEU A 35 3.26 16.36 -8.61
C LEU A 35 3.35 17.35 -9.77
N SER A 36 4.27 17.13 -10.71
CA SER A 36 4.35 18.02 -11.87
C SER A 36 3.15 17.84 -12.79
N GLU A 37 2.57 16.64 -12.80
CA GLU A 37 1.40 16.35 -13.61
C GLU A 37 0.10 16.58 -12.86
N VAL A 38 0.12 16.54 -11.54
CA VAL A 38 -1.05 16.81 -10.69
C VAL A 38 -0.66 17.91 -9.72
N PRO A 39 -0.53 19.16 -10.17
CA PRO A 39 0.09 20.19 -9.31
C PRO A 39 -0.68 20.52 -8.05
N ASP A 40 -1.99 20.25 -8.00
CA ASP A 40 -2.79 20.53 -6.82
C ASP A 40 -2.87 19.35 -5.88
N TYR A 41 -2.17 18.26 -6.17
CA TYR A 41 -2.38 17.01 -5.43
C TYR A 41 -2.14 17.19 -3.93
N LEU A 42 -1.17 18.02 -3.56
CA LEU A 42 -0.81 18.16 -2.15
C LEU A 42 -1.71 19.11 -1.38
N ASP A 43 -2.68 19.77 -2.03
CA ASP A 43 -3.57 20.69 -1.34
C ASP A 43 -4.26 20.02 -0.15
N HIS A 44 -4.78 18.81 -0.35
CA HIS A 44 -5.51 18.11 0.70
C HIS A 44 -5.01 16.69 0.93
N ILE A 45 -3.95 16.28 0.25
CA ILE A 45 -3.31 14.99 0.49
C ILE A 45 -2.09 15.27 1.34
N LYS A 46 -2.21 15.03 2.65
CA LYS A 46 -1.13 15.42 3.56
C LYS A 46 0.01 14.41 3.61
N LYS A 47 -0.22 13.15 3.22
CA LYS A 47 0.84 12.15 3.22
C LYS A 47 0.66 11.24 2.00
N PRO A 48 1.27 11.58 0.88
CA PRO A 48 1.25 10.68 -0.28
C PRO A 48 1.87 9.35 0.06
N MET A 49 1.41 8.30 -0.62
CA MET A 49 1.96 6.97 -0.42
C MET A 49 1.85 6.18 -1.70
N ASP A 50 2.76 5.22 -1.86
CA ASP A 50 2.84 4.40 -3.07
C ASP A 50 3.68 3.18 -2.74
N PHE A 51 3.64 2.18 -3.63
CA PHE A 51 4.31 0.91 -3.34
C PHE A 51 5.82 1.02 -3.36
N PHE A 52 6.38 1.92 -4.19
CA PHE A 52 7.83 2.11 -4.18
C PHE A 52 8.30 2.66 -2.85
N THR A 53 7.58 3.67 -2.34
CA THR A 53 7.90 4.21 -1.01
C THR A 53 7.72 3.13 0.06
N MET A 54 6.69 2.30 -0.09
CA MET A 54 6.51 1.22 0.89
C MET A 54 7.70 0.28 0.89
N LYS A 55 8.22 -0.05 -0.29
CA LYS A 55 9.38 -0.92 -0.37
C LYS A 55 10.58 -0.28 0.31
N GLN A 56 10.78 1.02 0.10
N GLN A 56 10.80 1.01 0.06
CA GLN A 56 11.91 1.68 0.76
CA GLN A 56 11.87 1.73 0.74
C GLN A 56 11.72 1.73 2.26
C GLN A 56 11.70 1.66 2.25
N ASN A 57 10.49 1.96 2.73
CA ASN A 57 10.23 1.92 4.17
C ASN A 57 10.49 0.54 4.74
N LEU A 58 10.07 -0.51 4.01
CA LEU A 58 10.27 -1.88 4.46
C LEU A 58 11.76 -2.18 4.66
N GLU A 59 12.58 -1.86 3.65
CA GLU A 59 14.00 -2.17 3.71
C GLU A 59 14.73 -1.30 4.72
N ALA A 60 14.19 -0.13 5.04
CA ALA A 60 14.77 0.72 6.08
C ALA A 60 14.35 0.29 7.48
N TYR A 61 13.70 -0.88 7.62
CA TYR A 61 13.28 -1.42 8.91
C TYR A 61 12.22 -0.54 9.58
N ARG A 62 11.42 0.15 8.78
CA ARG A 62 10.37 1.02 9.29
C ARG A 62 9.06 0.30 9.56
N TYR A 63 8.90 -0.95 9.11
CA TYR A 63 7.70 -1.75 9.36
C TYR A 63 8.12 -2.91 10.28
N LEU A 64 7.79 -2.80 11.55
CA LEU A 64 8.14 -3.82 12.53
C LEU A 64 6.92 -4.57 13.08
N ASN A 65 5.74 -4.23 12.59
CA ASN A 65 4.53 -4.98 12.91
C ASN A 65 3.61 -4.87 11.71
N PHE A 66 2.60 -5.75 11.68
CA PHE A 66 1.76 -5.79 10.51
C PHE A 66 0.97 -4.51 10.34
N ASP A 67 0.53 -3.92 11.45
CA ASP A 67 -0.32 -2.73 11.37
C ASP A 67 0.42 -1.57 10.70
N ASP A 68 1.71 -1.40 10.96
CA ASP A 68 2.37 -0.27 10.32
C ASP A 68 2.48 -0.46 8.81
N PHE A 69 2.67 -1.70 8.37
CA PHE A 69 2.67 -1.99 6.94
C PHE A 69 1.28 -1.74 6.35
N GLU A 70 0.26 -2.31 6.99
CA GLU A 70 -1.11 -2.19 6.50
C GLU A 70 -1.59 -0.74 6.49
N GLU A 71 -1.13 0.09 7.45
CA GLU A 71 -1.48 1.50 7.49
C GLU A 71 -1.06 2.22 6.22
N ASP A 72 0.16 1.97 5.73
CA ASP A 72 0.61 2.67 4.53
C ASP A 72 -0.11 2.16 3.28
N PHE A 73 -0.44 0.88 3.24
CA PHE A 73 -1.30 0.39 2.17
C PHE A 73 -2.65 1.08 2.18
N ASN A 74 -3.26 1.17 3.36
CA ASN A 74 -4.55 1.86 3.47
C ASN A 74 -4.44 3.32 3.05
N LEU A 75 -3.28 3.94 3.23
CA LEU A 75 -3.06 5.31 2.79
C LEU A 75 -3.08 5.41 1.28
N ILE A 76 -2.45 4.46 0.58
CA ILE A 76 -2.53 4.44 -0.88
C ILE A 76 -3.97 4.48 -1.31
N VAL A 77 -4.79 3.61 -0.71
CA VAL A 77 -6.21 3.53 -1.05
C VAL A 77 -6.94 4.82 -0.71
N SER A 78 -6.80 5.28 0.54
CA SER A 78 -7.59 6.43 0.99
CA SER A 78 -7.59 6.43 0.99
C SER A 78 -7.21 7.71 0.26
N ASN A 79 -5.92 7.90 -0.03
CA ASN A 79 -5.52 9.08 -0.78
C ASN A 79 -6.21 9.11 -2.14
N CYS A 80 -6.31 7.95 -2.78
CA CYS A 80 -6.88 7.88 -4.12
C CYS A 80 -8.38 8.08 -4.08
N LEU A 81 -9.05 7.51 -3.08
CA LEU A 81 -10.48 7.78 -2.92
C LEU A 81 -10.72 9.26 -2.63
N LYS A 82 -9.83 9.88 -1.86
CA LYS A 82 -10.02 11.29 -1.49
C LYS A 82 -9.83 12.21 -2.69
N TYR A 83 -8.75 12.01 -3.44
CA TYR A 83 -8.39 12.97 -4.49
C TYR A 83 -9.32 12.89 -5.71
N ASN A 84 -9.72 11.68 -6.09
CA ASN A 84 -10.35 11.46 -7.39
C ASN A 84 -11.86 11.38 -7.26
N ALA A 85 -12.56 11.91 -8.25
CA ALA A 85 -14.01 11.82 -8.26
C ALA A 85 -14.46 10.37 -8.38
N LYS A 86 -15.67 10.11 -7.87
CA LYS A 86 -16.17 8.75 -7.81
C LYS A 86 -16.28 8.12 -9.19
N ASP A 87 -16.52 8.92 -10.24
CA ASP A 87 -16.77 8.38 -11.56
C ASP A 87 -15.50 8.15 -12.37
N THR A 88 -14.35 8.00 -11.74
CA THR A 88 -13.09 7.84 -12.46
C THR A 88 -12.58 6.42 -12.33
N ILE A 89 -11.76 6.04 -13.31
CA ILE A 89 -11.03 4.77 -13.21
C ILE A 89 -10.19 4.75 -11.93
N PHE A 90 -9.49 5.85 -11.64
CA PHE A 90 -8.64 5.88 -10.45
C PHE A 90 -9.43 5.56 -9.17
N TYR A 91 -10.60 6.18 -9.00
CA TYR A 91 -11.38 5.91 -7.80
C TYR A 91 -11.78 4.44 -7.74
N ARG A 92 -12.27 3.90 -8.86
CA ARG A 92 -12.70 2.51 -8.84
C ARG A 92 -11.53 1.56 -8.66
N ALA A 93 -10.35 1.93 -9.19
CA ALA A 93 -9.14 1.14 -8.96
C ALA A 93 -8.81 1.04 -7.48
N ALA A 94 -8.95 2.15 -6.75
CA ALA A 94 -8.70 2.12 -5.30
C ALA A 94 -9.70 1.23 -4.59
N VAL A 95 -10.98 1.29 -4.98
CA VAL A 95 -11.97 0.38 -4.41
C VAL A 95 -11.58 -1.08 -4.66
N ARG A 96 -11.22 -1.40 -5.90
CA ARG A 96 -10.85 -2.78 -6.19
C ARG A 96 -9.61 -3.20 -5.43
N LEU A 97 -8.64 -2.29 -5.31
CA LEU A 97 -7.43 -2.61 -4.55
C LEU A 97 -7.76 -2.82 -3.07
N ARG A 98 -8.66 -2.00 -2.50
CA ARG A 98 -9.05 -2.21 -1.11
C ARG A 98 -9.62 -3.62 -0.92
N GLU A 99 -10.47 -4.05 -1.84
CA GLU A 99 -11.11 -5.36 -1.71
C GLU A 99 -10.09 -6.47 -1.90
N GLN A 100 -9.36 -6.43 -3.01
CA GLN A 100 -8.44 -7.53 -3.31
C GLN A 100 -7.26 -7.50 -2.36
N GLY A 101 -6.79 -6.32 -2.00
CA GLY A 101 -5.66 -6.20 -1.09
C GLY A 101 -6.01 -6.60 0.33
N GLY A 102 -7.24 -6.34 0.77
CA GLY A 102 -7.65 -6.79 2.09
C GLY A 102 -7.57 -8.30 2.27
N ALA A 103 -7.95 -9.06 1.25
CA ALA A 103 -7.84 -10.52 1.34
C ALA A 103 -6.38 -10.96 1.43
N VAL A 104 -5.51 -10.33 0.63
CA VAL A 104 -4.09 -10.60 0.73
C VAL A 104 -3.58 -10.30 2.13
N LEU A 105 -4.04 -9.18 2.71
CA LEU A 105 -3.56 -8.77 4.02
C LEU A 105 -4.04 -9.71 5.12
N ARG A 106 -5.30 -10.16 5.06
N ARG A 106 -5.29 -10.16 5.06
CA ARG A 106 -5.80 -11.05 6.09
CA ARG A 106 -5.80 -11.06 6.10
C ARG A 106 -4.99 -12.35 6.12
C ARG A 106 -5.01 -12.36 6.12
N GLN A 107 -4.72 -12.90 4.95
CA GLN A 107 -3.94 -14.13 4.89
C GLN A 107 -2.51 -13.91 5.37
N ALA A 108 -1.89 -12.80 4.99
CA ALA A 108 -0.53 -12.54 5.42
C ALA A 108 -0.47 -12.35 6.94
N ARG A 109 -1.46 -11.69 7.52
CA ARG A 109 -1.44 -11.49 8.96
C ARG A 109 -1.62 -12.81 9.69
N ARG A 110 -2.46 -13.70 9.17
CA ARG A 110 -2.56 -15.03 9.77
C ARG A 110 -1.22 -15.74 9.77
N GLN A 111 -0.41 -15.53 8.73
CA GLN A 111 0.93 -16.12 8.71
C GLN A 111 1.84 -15.47 9.74
N ALA A 112 1.76 -14.14 9.89
CA ALA A 112 2.58 -13.45 10.87
C ALA A 112 2.25 -13.91 12.29
N GLU A 113 0.97 -14.14 12.57
CA GLU A 113 0.55 -14.57 13.90
C GLU A 113 1.02 -15.98 14.24
N LYS A 114 1.36 -16.78 13.22
CA LYS A 114 1.97 -18.09 13.44
C LYS A 114 3.44 -18.01 13.81
N MET A 115 4.06 -16.84 13.68
CA MET A 115 5.48 -16.67 13.98
C MET A 115 5.72 -16.49 15.48
O 5QX B . -4.62 9.29 -7.66
C 5QX B . -3.86 9.17 -8.62
CA 5QX B . -3.17 7.98 -8.82
N 5QX B . -2.04 8.09 -9.78
CAJ 5QX B . -2.03 9.13 -10.69
CAE 5QX B . -1.14 9.11 -11.76
CAC 5QX B . -1.15 10.16 -12.67
CAD 5QX B . -2.01 11.22 -12.49
CAF 5QX B . -2.90 11.24 -11.41
CAK 5QX B . -2.91 10.19 -10.51
NAL 5QX B . -3.74 10.21 -9.47
CAA 5QX B . -4.51 11.44 -9.19
N NO3 C . -16.15 3.24 -1.90
O1 NO3 C . -16.71 1.94 -1.42
O2 NO3 C . -15.00 3.63 -1.45
O3 NO3 C . -16.90 4.10 -2.79
#